data_7BX9
#
_entry.id   7BX9
#
_cell.length_a   73.430
_cell.length_b   102.470
_cell.length_c   65.730
_cell.angle_alpha   90.000
_cell.angle_beta   90.000
_cell.angle_gamma   90.000
#
_symmetry.space_group_name_H-M   'C 2 2 2'
#
loop_
_entity.id
_entity.type
_entity.pdbx_description
1 polymer Azoreductase
2 non-polymer GLYCEROL
3 non-polymer 'PHOSPHATE ION'
4 non-polymer 'FLAVIN MONONUCLEOTIDE'
5 water water
#
_entity_poly.entity_id   1
_entity_poly.type   'polypeptide(L)'
_entity_poly.pdbx_seq_one_letter_code
;MMSILVISGTPRKNGRTRIAASYIRDRFHTDFIDLSESELPLYNGEEEQNELPSVQALRRQVKKSAAVVLLSPEYHSGMS
GALKNAIDFLSSDHWAYKPVAIIAAAGGGKGGMNALANMRTVMRGVYANVIPKQLVLDPIHIDMERRTVSEDMAVSLKDM
IEELNMFT
;
_entity_poly.pdbx_strand_id   A
#
# COMPACT_ATOMS: atom_id res chain seq x y z
N MET A 1 11.13 1.36 -12.49
CA MET A 1 9.90 0.58 -12.42
C MET A 1 8.72 1.47 -12.07
N MET A 2 8.54 2.57 -12.83
CA MET A 2 7.41 3.45 -12.59
C MET A 2 6.06 2.80 -12.88
N SER A 3 6.06 1.65 -13.55
CA SER A 3 4.84 0.87 -13.72
C SER A 3 4.38 0.22 -12.41
N ILE A 4 5.22 0.16 -11.39
CA ILE A 4 4.80 -0.25 -10.06
C ILE A 4 4.34 0.99 -9.31
N LEU A 5 3.20 0.89 -8.63
CA LEU A 5 2.69 1.94 -7.77
C LEU A 5 2.77 1.48 -6.33
N VAL A 6 3.46 2.24 -5.49
CA VAL A 6 3.52 1.99 -4.06
C VAL A 6 2.51 2.89 -3.38
N ILE A 7 1.62 2.30 -2.59
CA ILE A 7 0.61 3.05 -1.85
C ILE A 7 0.95 2.98 -0.37
N SER A 8 1.31 4.12 0.21
CA SER A 8 1.60 4.21 1.64
C SER A 8 0.31 4.50 2.38
N GLY A 9 -0.23 3.49 3.04
CA GLY A 9 -1.54 3.60 3.64
C GLY A 9 -1.60 4.15 5.04
N THR A 10 -0.47 4.57 5.63
CA THR A 10 -0.64 5.23 6.92
C THR A 10 -1.02 6.70 6.72
N PRO A 11 -1.94 7.20 7.54
CA PRO A 11 -2.22 8.64 7.54
C PRO A 11 -1.27 9.44 8.40
N ARG A 12 -0.33 8.79 9.08
CA ARG A 12 0.59 9.48 9.99
C ARG A 12 1.86 9.86 9.24
N LYS A 13 2.16 11.16 9.22
CA LYS A 13 3.32 11.59 8.43
C LYS A 13 4.62 11.00 8.97
N ASN A 14 4.68 10.71 10.26
CA ASN A 14 5.86 10.09 10.85
C ASN A 14 5.69 8.58 11.05
N GLY A 15 4.74 7.98 10.35
CA GLY A 15 4.45 6.57 10.57
C GLY A 15 5.51 5.65 10.00
N ARG A 16 5.63 4.48 10.62
CA ARG A 16 6.59 3.48 10.16
C ARG A 16 6.23 2.98 8.76
N THR A 17 4.94 2.86 8.46
CA THR A 17 4.53 2.38 7.14
C THR A 17 5.11 3.26 6.05
N ARG A 18 5.14 4.57 6.29
CA ARG A 18 5.62 5.50 5.29
CA ARG A 18 5.63 5.51 5.30
C ARG A 18 7.13 5.39 5.08
N ILE A 19 7.88 5.07 6.15
CA ILE A 19 9.31 4.83 5.98
C ILE A 19 9.55 3.66 5.06
N ALA A 20 8.82 2.57 5.29
CA ALA A 20 8.98 1.40 4.42
C ALA A 20 8.51 1.71 3.00
N ALA A 21 7.37 2.40 2.86
CA ALA A 21 6.86 2.68 1.53
C ALA A 21 7.81 3.58 0.75
N SER A 22 8.35 4.61 1.40
CA SER A 22 9.30 5.51 0.74
CA SER A 22 9.28 5.48 0.70
C SER A 22 10.58 4.77 0.37
N TYR A 23 11.02 3.83 1.22
CA TYR A 23 12.17 3.02 0.87
C TYR A 23 11.93 2.27 -0.43
N ILE A 24 10.76 1.62 -0.55
CA ILE A 24 10.47 0.85 -1.76
C ILE A 24 10.40 1.77 -2.96
N ARG A 25 9.76 2.93 -2.80
CA ARG A 25 9.65 3.90 -3.88
C ARG A 25 11.03 4.28 -4.42
N ASP A 26 11.97 4.56 -3.52
CA ASP A 26 13.28 5.02 -3.96
C ASP A 26 14.15 3.87 -4.44
N ARG A 27 14.03 2.70 -3.81
CA ARG A 27 14.89 1.58 -4.21
C ARG A 27 14.49 1.06 -5.58
N PHE A 28 13.20 1.01 -5.87
CA PHE A 28 12.70 0.40 -7.10
C PHE A 28 12.14 1.41 -8.08
N HIS A 29 12.26 2.71 -7.79
CA HIS A 29 11.87 3.78 -8.70
C HIS A 29 10.42 3.64 -9.15
N THR A 30 9.51 3.65 -8.17
CA THR A 30 8.10 3.41 -8.40
C THR A 30 7.31 4.72 -8.36
N ASP A 31 6.06 4.64 -8.84
CA ASP A 31 5.08 5.67 -8.55
C ASP A 31 4.69 5.58 -7.08
N PHE A 32 4.04 6.62 -6.57
CA PHE A 32 3.82 6.72 -5.14
C PHE A 32 2.52 7.47 -4.85
N ILE A 33 1.75 6.92 -3.91
CA ILE A 33 0.61 7.62 -3.30
C ILE A 33 0.84 7.60 -1.81
N ASP A 34 0.76 8.77 -1.18
CA ASP A 34 1.07 8.94 0.24
C ASP A 34 -0.19 9.41 0.95
N LEU A 35 -0.83 8.52 1.71
CA LEU A 35 -2.08 8.88 2.37
C LEU A 35 -1.88 9.73 3.62
N SER A 36 -0.65 10.11 3.96
CA SER A 36 -0.39 11.08 5.01
C SER A 36 -0.33 12.52 4.52
N GLU A 37 -0.36 12.74 3.21
CA GLU A 37 -0.34 14.08 2.66
C GLU A 37 -1.30 14.20 1.49
N SER A 38 -2.41 13.49 1.56
CA SER A 38 -3.39 13.45 0.49
C SER A 38 -4.47 14.50 0.72
N GLU A 39 -5.00 15.04 -0.36
CA GLU A 39 -6.17 15.90 -0.28
C GLU A 39 -7.48 15.14 -0.39
N LEU A 40 -7.42 13.82 -0.49
CA LEU A 40 -8.66 13.04 -0.57
C LEU A 40 -9.54 13.36 0.63
N PRO A 41 -10.81 13.62 0.42
CA PRO A 41 -11.76 13.72 1.54
C PRO A 41 -12.24 12.32 1.89
N LEU A 42 -13.04 12.24 2.94
CA LEU A 42 -13.79 11.02 3.17
C LEU A 42 -14.76 10.82 2.02
N TYR A 43 -14.75 9.63 1.44
CA TYR A 43 -15.76 9.24 0.47
C TYR A 43 -17.15 9.44 1.05
N ASN A 44 -18.05 10.05 0.27
CA ASN A 44 -19.41 10.26 0.74
C ASN A 44 -20.46 9.90 -0.29
N GLY A 45 -20.07 9.30 -1.40
CA GLY A 45 -21.00 8.87 -2.42
C GLY A 45 -21.57 9.96 -3.30
N GLU A 46 -21.26 11.23 -3.04
CA GLU A 46 -21.86 12.30 -3.83
C GLU A 46 -21.16 12.44 -5.18
N GLU A 47 -21.94 12.76 -6.21
CA GLU A 47 -21.41 12.84 -7.57
C GLU A 47 -20.29 13.87 -7.68
N GLU A 48 -20.36 14.94 -6.88
CA GLU A 48 -19.35 16.00 -6.96
C GLU A 48 -17.95 15.48 -6.68
N GLN A 49 -17.82 14.41 -5.90
CA GLN A 49 -16.48 13.91 -5.61
C GLN A 49 -15.79 13.36 -6.85
N ASN A 50 -16.54 12.95 -7.87
CA ASN A 50 -15.93 12.43 -9.09
C ASN A 50 -15.15 13.50 -9.83
N GLU A 51 -15.43 14.77 -9.56
CA GLU A 51 -14.75 15.87 -10.21
C GLU A 51 -13.56 16.39 -9.43
N LEU A 52 -13.32 15.88 -8.23
CA LEU A 52 -12.23 16.39 -7.41
C LEU A 52 -10.89 15.96 -7.99
N PRO A 53 -9.92 16.86 -8.13
CA PRO A 53 -8.60 16.44 -8.62
C PRO A 53 -7.95 15.30 -7.84
N SER A 54 -8.09 15.29 -6.51
CA SER A 54 -7.46 14.23 -5.73
C SER A 54 -8.07 12.86 -6.08
N VAL A 55 -9.38 12.82 -6.26
CA VAL A 55 -10.05 11.57 -6.62
C VAL A 55 -9.70 11.16 -8.04
N GLN A 56 -9.69 12.12 -8.97
CA GLN A 56 -9.31 11.80 -10.33
C GLN A 56 -7.88 11.28 -10.40
N ALA A 57 -6.98 11.87 -9.62
CA ALA A 57 -5.59 11.45 -9.64
C ALA A 57 -5.44 10.04 -9.06
N LEU A 58 -6.12 9.77 -7.96
CA LEU A 58 -6.07 8.44 -7.36
C LEU A 58 -6.54 7.38 -8.35
N ARG A 59 -7.67 7.63 -9.00
CA ARG A 59 -8.22 6.67 -9.96
C ARG A 59 -7.28 6.49 -11.14
N ARG A 60 -6.72 7.59 -11.65
CA ARG A 60 -5.83 7.51 -12.81
C ARG A 60 -4.56 6.75 -12.46
N GLN A 61 -3.96 7.05 -11.31
CA GLN A 61 -2.70 6.41 -10.94
C GLN A 61 -2.88 4.92 -10.69
N VAL A 62 -3.94 4.54 -9.96
CA VAL A 62 -4.15 3.12 -9.71
C VAL A 62 -4.43 2.39 -11.01
N LYS A 63 -5.32 2.95 -11.84
CA LYS A 63 -5.70 2.25 -13.06
C LYS A 63 -4.50 2.03 -13.98
N LYS A 64 -3.62 3.02 -14.09
CA LYS A 64 -2.50 2.92 -15.04
C LYS A 64 -1.39 1.99 -14.56
N SER A 65 -1.29 1.75 -13.25
CA SER A 65 -0.19 0.96 -12.73
C SER A 65 -0.26 -0.48 -13.24
N ALA A 66 0.91 -1.06 -13.52
CA ALA A 66 0.96 -2.48 -13.89
C ALA A 66 0.91 -3.39 -12.67
N ALA A 67 1.30 -2.88 -11.51
CA ALA A 67 1.30 -3.65 -10.28
C ALA A 67 1.31 -2.66 -9.12
N VAL A 68 0.84 -3.12 -7.96
CA VAL A 68 0.76 -2.28 -6.78
C VAL A 68 1.41 -2.98 -5.60
N VAL A 69 2.21 -2.22 -4.83
CA VAL A 69 2.58 -2.61 -3.47
C VAL A 69 1.69 -1.82 -2.53
N LEU A 70 0.86 -2.53 -1.78
CA LEU A 70 -0.15 -1.93 -0.91
C LEU A 70 0.34 -2.08 0.51
N LEU A 71 0.68 -0.96 1.16
CA LEU A 71 1.14 -0.97 2.54
C LEU A 71 0.11 -0.32 3.44
N SER A 72 -0.14 -0.94 4.60
CA SER A 72 -1.01 -0.33 5.59
C SER A 72 -0.48 -0.65 6.97
N PRO A 73 -0.62 0.25 7.93
CA PRO A 73 -0.47 -0.17 9.32
C PRO A 73 -1.63 -1.07 9.70
N GLU A 74 -1.41 -1.91 10.69
CA GLU A 74 -2.54 -2.60 11.32
C GLU A 74 -3.05 -1.70 12.42
N TYR A 75 -4.26 -1.18 12.25
CA TYR A 75 -4.94 -0.42 13.28
C TYR A 75 -6.13 -1.25 13.73
N HIS A 76 -6.14 -1.68 14.98
CA HIS A 76 -7.25 -2.46 15.52
C HIS A 76 -7.58 -3.67 14.65
N SER A 77 -6.55 -4.43 14.27
CA SER A 77 -6.74 -5.70 13.58
C SER A 77 -7.37 -5.52 12.19
N GLY A 78 -7.15 -4.37 11.56
CA GLY A 78 -7.56 -4.16 10.19
C GLY A 78 -6.64 -3.17 9.53
N MET A 79 -6.80 -3.02 8.22
CA MET A 79 -6.08 -1.95 7.53
C MET A 79 -6.55 -0.59 8.05
N SER A 80 -5.77 0.45 7.77
CA SER A 80 -6.15 1.78 8.23
C SER A 80 -7.45 2.24 7.57
N GLY A 81 -8.22 3.02 8.33
CA GLY A 81 -9.37 3.69 7.74
C GLY A 81 -8.98 4.59 6.58
N ALA A 82 -7.79 5.20 6.65
CA ALA A 82 -7.35 6.06 5.55
C ALA A 82 -7.20 5.26 4.26
N LEU A 83 -6.60 4.08 4.34
CA LEU A 83 -6.44 3.27 3.13
C LEU A 83 -7.78 2.75 2.65
N LYS A 84 -8.63 2.28 3.56
CA LYS A 84 -9.94 1.79 3.13
C LYS A 84 -10.76 2.90 2.49
N ASN A 85 -10.68 4.11 3.05
CA ASN A 85 -11.37 5.26 2.46
C ASN A 85 -10.91 5.49 1.02
N ALA A 86 -9.59 5.43 0.78
CA ALA A 86 -9.10 5.58 -0.58
C ALA A 86 -9.64 4.48 -1.49
N ILE A 87 -9.63 3.24 -1.01
CA ILE A 87 -10.13 2.12 -1.82
C ILE A 87 -11.61 2.30 -2.12
N ASP A 88 -12.36 2.92 -1.21
CA ASP A 88 -13.79 3.10 -1.44
C ASP A 88 -14.07 4.02 -2.63
N PHE A 89 -13.10 4.83 -3.05
CA PHE A 89 -13.25 5.60 -4.29
C PHE A 89 -13.01 4.77 -5.54
N LEU A 90 -12.52 3.55 -5.40
CA LEU A 90 -12.04 2.76 -6.52
C LEU A 90 -12.99 1.59 -6.78
N SER A 91 -12.70 0.83 -7.82
CA SER A 91 -13.52 -0.32 -8.16
C SER A 91 -12.67 -1.30 -8.96
N SER A 92 -13.30 -2.39 -9.40
CA SER A 92 -12.61 -3.31 -10.29
C SER A 92 -12.15 -2.66 -11.59
N ASP A 93 -12.73 -1.50 -11.96
CA ASP A 93 -12.22 -0.79 -13.13
C ASP A 93 -10.75 -0.40 -12.97
N HIS A 94 -10.31 -0.16 -11.74
CA HIS A 94 -8.94 0.25 -11.49
C HIS A 94 -8.03 -0.90 -11.11
N TRP A 95 -8.60 -2.03 -10.67
CA TRP A 95 -7.82 -3.07 -10.02
C TRP A 95 -7.88 -4.43 -10.70
N ALA A 96 -8.82 -4.68 -11.61
CA ALA A 96 -9.09 -6.05 -12.03
C ALA A 96 -7.84 -6.70 -12.61
N TYR A 97 -7.49 -7.87 -12.08
CA TYR A 97 -6.35 -8.68 -12.52
C TYR A 97 -5.00 -8.06 -12.20
N LYS A 98 -4.97 -6.94 -11.50
CA LYS A 98 -3.69 -6.31 -11.22
C LYS A 98 -2.94 -7.10 -10.16
N PRO A 99 -1.66 -7.40 -10.38
CA PRO A 99 -0.86 -8.03 -9.31
C PRO A 99 -0.65 -7.05 -8.17
N VAL A 100 -0.86 -7.52 -6.95
CA VAL A 100 -0.75 -6.69 -5.77
C VAL A 100 0.04 -7.46 -4.71
N ALA A 101 1.02 -6.80 -4.10
CA ALA A 101 1.75 -7.33 -2.97
C ALA A 101 1.33 -6.53 -1.74
N ILE A 102 0.94 -7.22 -0.67
CA ILE A 102 0.44 -6.56 0.53
C ILE A 102 1.48 -6.63 1.64
N ILE A 103 1.62 -5.51 2.35
CA ILE A 103 2.51 -5.37 3.49
C ILE A 103 1.74 -4.67 4.61
N ALA A 104 1.82 -5.22 5.81
CA ALA A 104 1.24 -4.59 6.99
C ALA A 104 2.35 -4.19 7.94
N ALA A 105 2.25 -3.00 8.51
CA ALA A 105 3.16 -2.58 9.56
C ALA A 105 2.47 -2.78 10.89
N ALA A 106 3.16 -3.41 11.83
CA ALA A 106 2.55 -3.77 13.10
C ALA A 106 3.43 -3.31 14.25
N GLY A 107 2.98 -3.60 15.47
CA GLY A 107 3.66 -3.15 16.65
C GLY A 107 4.60 -4.17 17.24
N GLY A 108 4.81 -5.28 16.58
CA GLY A 108 5.57 -6.39 17.11
C GLY A 108 4.64 -7.54 17.45
N GLY A 109 5.19 -8.51 18.18
CA GLY A 109 4.41 -9.64 18.63
C GLY A 109 3.72 -10.34 17.48
N LYS A 110 2.43 -10.61 17.65
CA LYS A 110 1.65 -11.31 16.64
C LYS A 110 0.92 -10.36 15.70
N GLY A 111 1.16 -9.05 15.81
CA GLY A 111 0.38 -8.11 15.05
C GLY A 111 0.66 -8.17 13.56
N GLY A 112 -0.33 -7.70 12.78
CA GLY A 112 -0.19 -7.51 11.37
C GLY A 112 -0.96 -8.50 10.53
N MET A 113 -1.24 -9.69 11.06
CA MET A 113 -1.85 -10.74 10.26
C MET A 113 -3.32 -10.46 9.99
N ASN A 114 -3.99 -9.76 10.91
CA ASN A 114 -5.39 -9.42 10.66
C ASN A 114 -5.52 -8.33 9.61
N ALA A 115 -4.62 -7.35 9.63
CA ALA A 115 -4.60 -6.38 8.54
C ALA A 115 -4.33 -7.06 7.20
N LEU A 116 -3.38 -8.01 7.18
CA LEU A 116 -3.10 -8.71 5.91
C LEU A 116 -4.34 -9.43 5.40
N ALA A 117 -5.07 -10.11 6.29
CA ALA A 117 -6.28 -10.81 5.87
C ALA A 117 -7.31 -9.84 5.32
N ASN A 118 -7.50 -8.71 6.01
CA ASN A 118 -8.44 -7.68 5.56
C ASN A 118 -8.02 -7.13 4.19
N MET A 119 -6.73 -6.85 4.02
CA MET A 119 -6.25 -6.35 2.74
C MET A 119 -6.46 -7.36 1.62
N ARG A 120 -6.16 -8.63 1.89
CA ARG A 120 -6.35 -9.66 0.87
C ARG A 120 -7.82 -9.77 0.47
N THR A 121 -8.72 -9.72 1.46
CA THR A 121 -10.14 -9.85 1.17
C THR A 121 -10.67 -8.67 0.38
N VAL A 122 -10.28 -7.46 0.77
CA VAL A 122 -10.74 -6.28 0.04
C VAL A 122 -10.16 -6.24 -1.37
N MET A 123 -8.88 -6.58 -1.50
CA MET A 123 -8.28 -6.61 -2.84
C MET A 123 -8.96 -7.62 -3.74
N ARG A 124 -9.29 -8.81 -3.22
CA ARG A 124 -10.04 -9.75 -4.03
C ARG A 124 -11.41 -9.17 -4.40
N GLY A 125 -11.98 -8.36 -3.51
CA GLY A 125 -13.27 -7.73 -3.75
C GLY A 125 -13.26 -6.75 -4.91
N VAL A 126 -12.10 -6.20 -5.27
CA VAL A 126 -11.95 -5.40 -6.47
C VAL A 126 -11.26 -6.18 -7.59
N TYR A 127 -11.14 -7.51 -7.43
CA TYR A 127 -10.68 -8.43 -8.46
C TYR A 127 -9.18 -8.33 -8.72
N ALA A 128 -8.42 -7.81 -7.76
CA ALA A 128 -6.97 -7.82 -7.90
C ALA A 128 -6.43 -9.23 -7.66
N ASN A 129 -5.21 -9.46 -8.14
CA ASN A 129 -4.50 -10.73 -7.92
C ASN A 129 -3.44 -10.48 -6.86
N VAL A 130 -3.76 -10.79 -5.61
CA VAL A 130 -2.80 -10.60 -4.52
C VAL A 130 -1.83 -11.78 -4.53
N ILE A 131 -0.54 -11.48 -4.65
CA ILE A 131 0.47 -12.52 -4.76
C ILE A 131 0.64 -13.24 -3.43
N PRO A 132 1.18 -14.47 -3.42
CA PRO A 132 1.30 -15.20 -2.15
C PRO A 132 2.23 -14.54 -1.15
N LYS A 133 3.31 -13.92 -1.61
CA LYS A 133 4.28 -13.34 -0.68
C LYS A 133 3.68 -12.11 -0.02
N GLN A 134 3.62 -12.13 1.30
CA GLN A 134 3.17 -10.99 2.09
C GLN A 134 4.15 -10.79 3.22
N LEU A 135 4.17 -9.58 3.77
CA LEU A 135 5.14 -9.25 4.79
C LEU A 135 4.48 -8.46 5.90
N VAL A 136 4.93 -8.69 7.13
CA VAL A 136 4.66 -7.79 8.24
C VAL A 136 5.95 -7.08 8.61
N LEU A 137 5.89 -5.76 8.70
CA LEU A 137 6.99 -4.92 9.15
C LEU A 137 6.78 -4.60 10.61
N ASP A 138 7.66 -5.09 11.46
CA ASP A 138 7.62 -4.78 12.87
C ASP A 138 8.61 -3.66 13.18
N PRO A 139 8.55 -3.08 14.38
CA PRO A 139 9.49 -2.00 14.70
C PRO A 139 10.95 -2.39 14.52
N ILE A 140 11.30 -3.66 14.75
CA ILE A 140 12.68 -4.11 14.55
C ILE A 140 13.12 -3.96 13.10
N HIS A 141 12.18 -3.87 12.16
CA HIS A 141 12.50 -3.80 10.74
C HIS A 141 12.64 -2.37 10.23
N ILE A 142 12.39 -1.37 11.08
CA ILE A 142 12.35 0.02 10.68
C ILE A 142 13.33 0.79 11.53
N ASP A 143 14.26 1.48 10.88
CA ASP A 143 15.20 2.38 11.53
C ASP A 143 14.60 3.78 11.47
N MET A 144 14.06 4.25 12.59
CA MET A 144 13.41 5.56 12.61
C MET A 144 14.40 6.69 12.36
N GLU A 145 15.58 6.61 12.97
CA GLU A 145 16.56 7.69 12.85
C GLU A 145 17.07 7.81 11.42
N ARG A 146 17.45 6.68 10.81
CA ARG A 146 17.91 6.70 9.43
C ARG A 146 16.79 6.67 8.41
N ARG A 147 15.54 6.48 8.86
CA ARG A 147 14.37 6.44 7.97
C ARG A 147 14.55 5.42 6.85
N THR A 148 14.86 4.18 7.23
CA THR A 148 14.96 3.12 6.26
C THR A 148 14.63 1.78 6.91
N VAL A 149 14.73 0.72 6.14
CA VAL A 149 14.38 -0.61 6.61
C VAL A 149 15.66 -1.35 6.98
N SER A 150 15.50 -2.39 7.79
CA SER A 150 16.63 -3.21 8.20
C SER A 150 17.16 -4.03 7.03
N GLU A 151 18.38 -4.56 7.21
CA GLU A 151 19.02 -5.30 6.13
C GLU A 151 18.20 -6.52 5.73
N ASP A 152 17.70 -7.26 6.71
CA ASP A 152 16.92 -8.46 6.38
C ASP A 152 15.61 -8.10 5.70
N MET A 153 14.97 -7.00 6.13
CA MET A 153 13.74 -6.56 5.47
C MET A 153 14.01 -6.10 4.04
N ALA A 154 15.14 -5.45 3.80
CA ALA A 154 15.46 -5.04 2.44
C ALA A 154 15.58 -6.25 1.52
N VAL A 155 16.18 -7.34 2.01
CA VAL A 155 16.26 -8.57 1.22
C VAL A 155 14.86 -9.10 0.94
N SER A 156 14.01 -9.13 1.98
CA SER A 156 12.65 -9.62 1.81
C SER A 156 11.87 -8.78 0.81
N LEU A 157 12.05 -7.46 0.83
CA LEU A 157 11.33 -6.59 -0.09
C LEU A 157 11.80 -6.82 -1.52
N LYS A 158 13.10 -7.03 -1.73
CA LYS A 158 13.57 -7.35 -3.08
C LYS A 158 12.94 -8.65 -3.59
N ASP A 159 12.84 -9.66 -2.73
CA ASP A 159 12.18 -10.90 -3.13
C ASP A 159 10.72 -10.66 -3.45
N MET A 160 10.06 -9.79 -2.69
N MET A 160 10.05 -9.80 -2.68
CA MET A 160 8.66 -9.47 -2.96
CA MET A 160 8.67 -9.46 -2.97
C MET A 160 8.50 -8.78 -4.32
C MET A 160 8.53 -8.82 -4.34
N ILE A 161 9.38 -7.83 -4.64
CA ILE A 161 9.29 -7.15 -5.93
C ILE A 161 9.55 -8.13 -7.07
N GLU A 162 10.50 -9.04 -6.88
CA GLU A 162 10.75 -10.04 -7.91
C GLU A 162 9.53 -10.92 -8.14
N GLU A 163 8.86 -11.32 -7.06
CA GLU A 163 7.65 -12.13 -7.23
C GLU A 163 6.53 -11.31 -7.87
N LEU A 164 6.39 -10.05 -7.45
CA LEU A 164 5.37 -9.19 -8.06
C LEU A 164 5.59 -9.06 -9.56
N ASN A 165 6.84 -8.87 -9.98
CA ASN A 165 7.14 -8.76 -11.40
C ASN A 165 6.83 -10.05 -12.14
N MET A 166 7.04 -11.20 -11.49
CA MET A 166 6.73 -12.48 -12.14
C MET A 166 5.24 -12.58 -12.44
N PHE A 167 4.40 -12.09 -11.53
CA PHE A 167 2.96 -12.12 -11.74
C PHE A 167 2.47 -11.00 -12.64
N THR A 168 3.36 -10.13 -13.11
CA THR A 168 2.96 -9.03 -13.98
C THR A 168 3.17 -9.41 -15.44
#